data_8ST8
#
_entry.id   8ST8
#
_cell.length_a   51.893
_cell.length_b   63.644
_cell.length_c   81.409
_cell.angle_alpha   90.000
_cell.angle_beta   90.000
_cell.angle_gamma   90.000
#
_symmetry.space_group_name_H-M   'P 21 21 21'
#
loop_
_entity.id
_entity.type
_entity.pdbx_description
1 polymer 'E3 ubiquitin-protein ligase SopA'
2 polymer Ubiquitin
3 non-polymer prop-2-en-1-amine
4 water water
#
loop_
_entity_poly.entity_id
_entity_poly.type
_entity_poly.pdbx_seq_one_letter_code
_entity_poly.pdbx_strand_id
1 'polypeptide(L)'
;HHHHHHSSGLEVLFQGPRRFGELIDIILSTEEHGELNQQFLAATNQKHSTVKLIDDASVSRLATIFDPLLPEGKLSPAHY
QHILSAYHLTDATPQKQAETLFCLSTAFARYSSSAIFGTEHDSPPALRGYAEALMQKAWELSPAIFPSSEQFTEWSDRFH
GLHGAFTCTSVVADSMQRHARKYFPSVLSSILPLAWA
;
A
2 'polypeptide(L)' MQIFVKTLTGKTITLEVEPSDTIENVKAKIQDKEGIPPDQQRLIFAGKQLEDGRTLSDYNIQKESTLHLVLRLRG B
#
# COMPACT_ATOMS: atom_id res chain seq x y z
N HIS A 3 -10.12 -34.87 16.91
CA HIS A 3 -9.20 -34.50 17.99
C HIS A 3 -8.46 -33.20 17.68
N HIS A 4 -8.49 -32.26 18.62
CA HIS A 4 -7.80 -30.97 18.49
C HIS A 4 -6.45 -31.05 19.19
N HIS A 5 -5.38 -30.96 18.39
CA HIS A 5 -4.03 -31.07 18.91
C HIS A 5 -3.57 -29.80 19.61
N HIS A 6 -4.35 -28.73 19.53
CA HIS A 6 -4.01 -27.46 20.18
C HIS A 6 -5.18 -27.02 21.03
N SER A 7 -4.88 -26.53 22.23
CA SER A 7 -5.90 -25.85 23.02
C SER A 7 -6.50 -24.72 22.20
N SER A 8 -7.76 -24.40 22.50
CA SER A 8 -8.55 -23.48 21.68
C SER A 8 -7.84 -22.15 21.46
N GLY A 9 -7.30 -21.55 22.53
CA GLY A 9 -6.69 -20.25 22.42
C GLY A 9 -5.36 -20.25 21.71
N LEU A 10 -4.79 -21.42 21.40
CA LEU A 10 -3.52 -21.50 20.70
C LEU A 10 -3.66 -21.88 19.23
N GLU A 11 -4.84 -22.36 18.81
CA GLU A 11 -5.04 -22.74 17.41
C GLU A 11 -4.72 -21.61 16.46
N VAL A 12 -4.99 -20.36 16.86
CA VAL A 12 -4.68 -19.20 16.02
C VAL A 12 -3.21 -19.17 15.64
N LEU A 13 -2.33 -19.64 16.52
CA LEU A 13 -0.89 -19.57 16.27
C LEU A 13 -0.46 -20.49 15.15
N PHE A 14 -1.30 -21.47 14.81
CA PHE A 14 -1.04 -22.38 13.72
C PHE A 14 -1.88 -22.07 12.50
N GLN A 15 -3.15 -21.75 12.70
CA GLN A 15 -4.03 -21.49 11.57
C GLN A 15 -3.67 -20.17 10.90
N GLY A 16 -3.29 -19.15 11.68
CA GLY A 16 -2.96 -17.85 11.14
C GLY A 16 -1.84 -17.89 10.11
N PRO A 17 -0.69 -18.43 10.48
CA PRO A 17 0.40 -18.55 9.50
C PRO A 17 0.01 -19.36 8.29
N ARG A 18 -0.81 -20.41 8.45
CA ARG A 18 -1.28 -21.18 7.30
C ARG A 18 -2.03 -20.28 6.32
N ARG A 19 -3.02 -19.53 6.83
CA ARG A 19 -3.82 -18.71 5.95
C ARG A 19 -3.04 -17.54 5.36
N PHE A 20 -2.10 -16.98 6.12
CA PHE A 20 -1.25 -15.92 5.54
C PHE A 20 -0.43 -16.47 4.39
N GLY A 21 0.09 -17.68 4.52
CA GLY A 21 0.81 -18.30 3.43
C GLY A 21 -0.07 -18.48 2.21
N GLU A 22 -1.33 -18.86 2.42
CA GLU A 22 -2.24 -19.01 1.29
C GLU A 22 -2.50 -17.67 0.63
N LEU A 23 -2.60 -16.59 1.41
CA LEU A 23 -2.78 -15.27 0.82
C LEU A 23 -1.55 -14.88 0.02
N ILE A 24 -0.36 -15.21 0.52
CA ILE A 24 0.85 -14.88 -0.22
C ILE A 24 0.90 -15.64 -1.54
N ASP A 25 0.44 -16.90 -1.55
CA ASP A 25 0.38 -17.67 -2.78
C ASP A 25 -0.61 -17.06 -3.77
N ILE A 26 -1.66 -16.41 -3.27
CA ILE A 26 -2.64 -15.76 -4.14
C ILE A 26 -2.04 -14.48 -4.75
N ILE A 27 -1.38 -13.65 -3.92
CA ILE A 27 -0.83 -12.38 -4.40
C ILE A 27 0.37 -12.61 -5.31
N LEU A 28 1.31 -13.47 -4.86
CA LEU A 28 2.56 -13.73 -5.56
C LEU A 28 2.53 -15.17 -6.08
N SER A 29 1.98 -15.33 -7.30
CA SER A 29 1.84 -16.65 -7.90
C SER A 29 3.17 -17.39 -7.96
N THR A 30 3.19 -18.67 -7.56
CA THR A 30 4.42 -19.42 -7.75
C THR A 30 4.71 -19.64 -9.22
N GLU A 31 3.69 -19.52 -10.08
CA GLU A 31 3.88 -19.72 -11.51
C GLU A 31 4.81 -18.67 -12.10
N GLU A 32 4.54 -17.38 -11.84
CA GLU A 32 5.34 -16.32 -12.44
C GLU A 32 6.29 -15.65 -11.46
N HIS A 33 6.08 -15.78 -10.16
CA HIS A 33 6.79 -14.97 -9.18
C HIS A 33 7.36 -15.83 -8.07
N GLY A 34 7.98 -16.96 -8.43
CA GLY A 34 8.44 -17.90 -7.41
C GLY A 34 9.46 -17.31 -6.46
N GLU A 35 10.37 -16.49 -6.97
CA GLU A 35 11.42 -15.92 -6.10
C GLU A 35 10.82 -14.92 -5.11
N LEU A 36 9.98 -14.01 -5.59
CA LEU A 36 9.39 -13.03 -4.67
C LEU A 36 8.42 -13.71 -3.72
N ASN A 37 7.70 -14.73 -4.20
CA ASN A 37 6.85 -15.53 -3.32
C ASN A 37 7.66 -16.06 -2.14
N GLN A 38 8.80 -16.71 -2.40
N GLN A 38 8.81 -16.69 -2.41
CA GLN A 38 9.64 -17.22 -1.32
CA GLN A 38 9.63 -17.23 -1.33
C GLN A 38 10.14 -16.09 -0.43
C GLN A 38 10.19 -16.12 -0.43
N GLN A 39 10.52 -14.97 -1.02
CA GLN A 39 11.04 -13.86 -0.23
C GLN A 39 9.97 -13.30 0.70
N PHE A 40 8.71 -13.25 0.25
CA PHE A 40 7.66 -12.75 1.12
C PHE A 40 7.38 -13.74 2.26
N LEU A 41 7.46 -15.04 1.96
CA LEU A 41 7.24 -16.04 3.00
C LEU A 41 8.37 -16.02 4.02
N ALA A 42 9.63 -15.99 3.53
CA ALA A 42 10.76 -15.97 4.44
C ALA A 42 10.73 -14.76 5.35
N ALA A 43 10.26 -13.62 4.84
CA ALA A 43 10.23 -12.40 5.64
C ALA A 43 9.34 -12.52 6.86
N THR A 44 8.36 -13.42 6.85
CA THR A 44 7.46 -13.55 8.00
C THR A 44 8.14 -14.19 9.20
N ASN A 45 9.33 -14.76 9.03
CA ASN A 45 9.97 -15.56 10.07
C ASN A 45 10.74 -14.74 11.10
N GLN A 46 10.93 -13.44 10.88
CA GLN A 46 11.54 -12.59 11.90
C GLN A 46 11.13 -11.14 11.66
N LYS A 47 11.30 -10.31 12.69
CA LYS A 47 10.88 -8.91 12.66
C LYS A 47 11.96 -8.00 12.10
N HIS A 48 12.91 -8.54 11.35
N HIS A 48 12.93 -8.54 11.37
CA HIS A 48 13.96 -7.77 10.71
CA HIS A 48 13.92 -7.70 10.69
C HIS A 48 14.31 -8.47 9.41
C HIS A 48 14.39 -8.43 9.45
N SER A 49 14.60 -7.69 8.38
CA SER A 49 14.98 -8.25 7.09
C SER A 49 16.17 -7.49 6.56
N THR A 50 17.19 -8.23 6.12
CA THR A 50 18.28 -7.61 5.39
C THR A 50 17.96 -7.50 3.90
N VAL A 51 16.97 -8.24 3.41
CA VAL A 51 16.50 -8.13 2.03
C VAL A 51 15.58 -6.92 1.92
N LYS A 52 15.95 -5.98 1.06
CA LYS A 52 15.16 -4.77 0.86
C LYS A 52 14.62 -4.75 -0.57
N LEU A 53 13.46 -4.11 -0.75
CA LEU A 53 12.81 -4.00 -2.05
C LEU A 53 12.51 -2.53 -2.37
N ILE A 54 13.55 -1.70 -2.35
CA ILE A 54 13.39 -0.26 -2.56
C ILE A 54 14.09 0.25 -3.80
N ASP A 55 14.94 -0.54 -4.46
CA ASP A 55 15.60 -0.05 -5.65
C ASP A 55 14.62 -0.04 -6.83
N ASP A 56 15.01 0.65 -7.90
CA ASP A 56 14.10 0.84 -9.03
C ASP A 56 13.62 -0.49 -9.60
N ALA A 57 14.51 -1.49 -9.66
CA ALA A 57 14.10 -2.80 -10.17
C ALA A 57 13.05 -3.43 -9.26
N SER A 58 13.25 -3.40 -7.94
CA SER A 58 12.26 -3.95 -7.03
C SER A 58 10.94 -3.20 -7.12
N VAL A 59 11.00 -1.87 -7.25
CA VAL A 59 9.77 -1.09 -7.41
C VAL A 59 9.03 -1.54 -8.66
N SER A 60 9.76 -1.81 -9.75
CA SER A 60 9.14 -2.27 -10.97
C SER A 60 8.55 -3.67 -10.81
N ARG A 61 9.30 -4.57 -10.16
CA ARG A 61 8.83 -5.94 -9.99
C ARG A 61 7.53 -5.99 -9.20
N LEU A 62 7.44 -5.19 -8.13
CA LEU A 62 6.25 -5.23 -7.31
C LEU A 62 5.06 -4.58 -8.02
N ALA A 63 5.31 -3.56 -8.86
CA ALA A 63 4.22 -3.01 -9.67
C ALA A 63 3.61 -4.08 -10.58
N THR A 64 4.45 -4.89 -11.21
CA THR A 64 3.97 -6.03 -12.00
C THR A 64 2.99 -6.90 -11.21
N ILE A 65 3.28 -7.10 -9.93
CA ILE A 65 2.50 -8.02 -9.12
C ILE A 65 1.21 -7.38 -8.63
N PHE A 66 1.30 -6.17 -8.09
CA PHE A 66 0.15 -5.56 -7.43
C PHE A 66 -0.74 -4.75 -8.34
N ASP A 67 -0.24 -4.19 -9.45
CA ASP A 67 -1.09 -3.40 -10.33
C ASP A 67 -2.37 -4.13 -10.72
N PRO A 68 -2.32 -5.40 -11.18
CA PRO A 68 -3.58 -6.11 -11.50
C PRO A 68 -4.53 -6.26 -10.32
N LEU A 69 -4.05 -6.20 -9.09
CA LEU A 69 -4.90 -6.37 -7.91
C LEU A 69 -5.54 -5.06 -7.45
N LEU A 70 -5.09 -3.93 -7.99
CA LEU A 70 -5.45 -2.61 -7.46
C LEU A 70 -5.93 -1.69 -8.56
N PRO A 71 -7.02 -2.03 -9.27
CA PRO A 71 -7.53 -1.11 -10.29
C PRO A 71 -8.00 0.19 -9.65
N GLU A 72 -7.51 1.31 -10.17
CA GLU A 72 -7.86 2.64 -9.65
C GLU A 72 -7.48 2.78 -8.18
N GLY A 73 -6.48 2.02 -7.74
CA GLY A 73 -6.00 2.12 -6.38
C GLY A 73 -6.85 1.44 -5.32
N LYS A 74 -7.84 0.63 -5.74
CA LYS A 74 -8.70 -0.08 -4.82
C LYS A 74 -8.60 -1.57 -5.10
N LEU A 75 -8.90 -2.39 -4.09
CA LEU A 75 -8.96 -3.83 -4.28
C LEU A 75 -9.88 -4.18 -5.43
N SER A 76 -9.43 -5.05 -6.33
CA SER A 76 -10.35 -5.50 -7.35
C SER A 76 -11.43 -6.37 -6.69
N PRO A 77 -12.64 -6.41 -7.26
CA PRO A 77 -13.65 -7.34 -6.74
C PRO A 77 -13.17 -8.78 -6.67
N ALA A 78 -12.47 -9.25 -7.71
CA ALA A 78 -12.02 -10.64 -7.74
C ALA A 78 -11.01 -10.90 -6.64
N HIS A 79 -10.05 -9.98 -6.44
CA HIS A 79 -9.04 -10.20 -5.40
C HIS A 79 -9.67 -10.16 -4.01
N TYR A 80 -10.61 -9.24 -3.81
CA TYR A 80 -11.29 -9.17 -2.51
C TYR A 80 -12.02 -10.47 -2.21
N GLN A 81 -12.70 -11.05 -3.21
CA GLN A 81 -13.32 -12.36 -3.00
C GLN A 81 -12.30 -13.42 -2.64
N HIS A 82 -11.12 -13.38 -3.27
CA HIS A 82 -10.08 -14.37 -2.97
C HIS A 82 -9.61 -14.25 -1.54
N ILE A 83 -9.53 -13.03 -1.02
CA ILE A 83 -9.20 -12.83 0.39
C ILE A 83 -10.27 -13.46 1.28
N LEU A 84 -11.53 -13.18 0.97
CA LEU A 84 -12.63 -13.73 1.76
C LEU A 84 -12.59 -15.25 1.77
N SER A 85 -12.36 -15.87 0.62
CA SER A 85 -12.29 -17.31 0.55
C SER A 85 -11.14 -17.85 1.39
N ALA A 86 -9.96 -17.23 1.26
CA ALA A 86 -8.80 -17.72 1.99
C ALA A 86 -9.01 -17.66 3.50
N TYR A 87 -9.76 -16.66 3.98
CA TYR A 87 -9.99 -16.48 5.40
C TYR A 87 -11.35 -17.00 5.84
N HIS A 88 -12.06 -17.71 4.95
CA HIS A 88 -13.35 -18.32 5.26
C HIS A 88 -14.35 -17.27 5.76
N LEU A 89 -14.38 -16.13 5.10
CA LEU A 89 -15.22 -15.01 5.53
C LEU A 89 -16.35 -14.72 4.56
N THR A 90 -16.63 -15.60 3.59
CA THR A 90 -17.63 -15.28 2.59
C THR A 90 -19.00 -15.01 3.22
N ASP A 91 -19.34 -15.73 4.29
CA ASP A 91 -20.61 -15.56 4.97
C ASP A 91 -20.51 -14.75 6.26
N ALA A 92 -19.38 -14.07 6.50
CA ALA A 92 -19.17 -13.43 7.80
C ALA A 92 -19.80 -12.03 7.82
N THR A 93 -19.87 -11.44 9.01
CA THR A 93 -20.43 -10.09 9.12
C THR A 93 -19.47 -9.08 8.48
N PRO A 94 -20.00 -7.98 7.94
CA PRO A 94 -19.10 -6.93 7.43
C PRO A 94 -18.11 -6.44 8.48
N GLN A 95 -18.47 -6.52 9.76
CA GLN A 95 -17.55 -6.06 10.80
C GLN A 95 -16.38 -7.02 10.97
N LYS A 96 -16.67 -8.33 10.97
CA LYS A 96 -15.59 -9.32 10.99
C LYS A 96 -14.70 -9.22 9.76
N GLN A 97 -15.31 -9.01 8.59
CA GLN A 97 -14.54 -8.82 7.37
C GLN A 97 -13.65 -7.59 7.48
N ALA A 98 -14.20 -6.49 8.00
CA ALA A 98 -13.45 -5.26 8.11
C ALA A 98 -12.27 -5.39 9.07
N GLU A 99 -12.47 -6.04 10.22
CA GLU A 99 -11.37 -6.22 11.18
C GLU A 99 -10.27 -7.07 10.56
N THR A 100 -10.65 -8.11 9.81
CA THR A 100 -9.63 -8.93 9.15
C THR A 100 -8.86 -8.10 8.13
N LEU A 101 -9.56 -7.32 7.32
CA LEU A 101 -8.88 -6.52 6.31
C LEU A 101 -8.00 -5.46 6.96
N PHE A 102 -8.46 -4.89 8.10
CA PHE A 102 -7.63 -3.94 8.84
C PHE A 102 -6.33 -4.60 9.31
N CYS A 103 -6.41 -5.82 9.83
CA CYS A 103 -5.20 -6.49 10.28
C CYS A 103 -4.29 -6.85 9.11
N LEU A 104 -4.87 -7.23 7.96
CA LEU A 104 -4.02 -7.45 6.79
C LEU A 104 -3.36 -6.16 6.34
N SER A 105 -4.09 -5.04 6.37
CA SER A 105 -3.48 -3.75 6.06
C SER A 105 -2.29 -3.51 6.96
N THR A 106 -2.45 -3.75 8.27
CA THR A 106 -1.36 -3.59 9.23
C THR A 106 -0.17 -4.45 8.84
N ALA A 107 -0.42 -5.71 8.45
CA ALA A 107 0.68 -6.59 8.07
C ALA A 107 1.42 -6.07 6.85
N PHE A 108 0.69 -5.55 5.86
CA PHE A 108 1.39 -5.05 4.68
C PHE A 108 2.01 -3.69 4.92
N ALA A 109 1.46 -2.91 5.85
CA ALA A 109 2.20 -1.74 6.33
C ALA A 109 3.55 -2.16 6.90
N ARG A 110 3.56 -3.24 7.72
CA ARG A 110 4.83 -3.74 8.26
C ARG A 110 5.77 -4.23 7.16
N TYR A 111 5.24 -4.94 6.16
CA TYR A 111 6.07 -5.34 5.02
C TYR A 111 6.77 -4.14 4.40
N SER A 112 6.09 -2.99 4.32
CA SER A 112 6.68 -1.83 3.66
C SER A 112 7.64 -1.06 4.56
N SER A 113 7.71 -1.40 5.84
CA SER A 113 8.39 -0.57 6.83
C SER A 113 9.87 -0.88 6.86
N SER A 114 10.61 -0.10 7.67
CA SER A 114 12.04 -0.26 7.82
C SER A 114 12.42 -1.60 8.43
N ALA A 115 11.46 -2.27 9.08
CA ALA A 115 11.76 -3.58 9.67
C ALA A 115 11.85 -4.68 8.62
N ILE A 116 11.11 -4.57 7.52
CA ILE A 116 11.08 -5.66 6.54
C ILE A 116 11.68 -5.20 5.22
N PHE A 117 10.84 -4.92 4.21
CA PHE A 117 11.41 -4.60 2.89
C PHE A 117 11.68 -3.12 2.65
N GLY A 118 11.30 -2.24 3.56
CA GLY A 118 11.68 -0.84 3.47
C GLY A 118 12.92 -0.55 4.30
N THR A 119 13.37 0.70 4.23
CA THR A 119 14.52 1.21 4.96
C THR A 119 14.09 2.46 5.73
N GLU A 120 15.04 3.10 6.41
CA GLU A 120 14.70 4.34 7.11
C GLU A 120 14.08 5.36 6.15
N HIS A 121 14.69 5.56 4.98
CA HIS A 121 14.33 6.67 4.11
C HIS A 121 13.47 6.28 2.91
N ASP A 122 13.25 4.99 2.66
CA ASP A 122 12.53 4.53 1.47
C ASP A 122 11.63 3.36 1.82
N SER A 123 10.65 3.10 0.93
CA SER A 123 9.57 2.14 1.19
C SER A 123 8.96 1.66 -0.12
N PRO A 124 8.76 0.36 -0.33
CA PRO A 124 8.18 -0.10 -1.60
C PRO A 124 6.76 0.41 -1.78
N PRO A 125 6.54 1.31 -2.76
CA PRO A 125 5.23 1.96 -2.86
C PRO A 125 4.08 1.00 -3.15
N ALA A 126 4.33 -0.10 -3.88
CA ALA A 126 3.25 -1.03 -4.17
C ALA A 126 2.69 -1.65 -2.90
N LEU A 127 3.55 -1.95 -1.91
CA LEU A 127 3.08 -2.52 -0.66
C LEU A 127 2.31 -1.48 0.15
N ARG A 128 2.75 -0.23 0.10
CA ARG A 128 1.99 0.85 0.73
C ARG A 128 0.63 1.01 0.08
N GLY A 129 0.57 0.97 -1.25
CA GLY A 129 -0.71 1.08 -1.93
C GLY A 129 -1.64 -0.07 -1.62
N TYR A 130 -1.11 -1.29 -1.61
CA TYR A 130 -1.91 -2.45 -1.23
C TYR A 130 -2.42 -2.33 0.20
N ALA A 131 -1.56 -1.91 1.12
CA ALA A 131 -1.98 -1.76 2.51
C ALA A 131 -3.09 -0.73 2.62
N GLU A 132 -2.95 0.40 1.91
CA GLU A 132 -3.97 1.44 2.01
C GLU A 132 -5.29 1.00 1.39
N ALA A 133 -5.23 0.18 0.32
CA ALA A 133 -6.46 -0.31 -0.30
C ALA A 133 -7.17 -1.31 0.60
N LEU A 134 -6.41 -2.17 1.28
CA LEU A 134 -7.01 -3.04 2.28
C LEU A 134 -7.72 -2.21 3.34
N MET A 135 -7.07 -1.13 3.81
CA MET A 135 -7.68 -0.26 4.82
C MET A 135 -8.91 0.45 4.29
N GLN A 136 -8.86 0.89 3.03
CA GLN A 136 -10.03 1.51 2.38
C GLN A 136 -11.22 0.56 2.36
N LYS A 137 -10.99 -0.71 1.99
CA LYS A 137 -12.09 -1.68 1.97
C LYS A 137 -12.64 -1.92 3.37
N ALA A 138 -11.74 -2.00 4.37
CA ALA A 138 -12.22 -2.15 5.74
C ALA A 138 -13.09 -0.97 6.15
N TRP A 139 -12.69 0.25 5.77
CA TRP A 139 -13.50 1.44 6.05
C TRP A 139 -14.88 1.35 5.39
N GLU A 140 -14.94 0.87 4.15
CA GLU A 140 -16.21 0.72 3.48
C GLU A 140 -17.09 -0.31 4.17
N LEU A 141 -16.49 -1.39 4.67
CA LEU A 141 -17.23 -2.48 5.28
C LEU A 141 -17.75 -2.10 6.66
N SER A 142 -16.92 -1.44 7.47
CA SER A 142 -17.33 -1.05 8.81
C SER A 142 -16.55 0.17 9.26
N PRO A 143 -17.02 1.37 8.93
CA PRO A 143 -16.36 2.59 9.43
C PRO A 143 -16.19 2.57 10.94
N ALA A 144 -17.11 1.92 11.65
CA ALA A 144 -17.08 1.99 13.11
C ALA A 144 -15.90 1.27 13.75
N ILE A 145 -15.14 0.44 13.00
CA ILE A 145 -13.99 -0.17 13.66
C ILE A 145 -12.82 0.80 13.77
N PHE A 146 -12.89 1.94 13.07
CA PHE A 146 -11.88 3.00 13.12
C PHE A 146 -12.24 3.99 14.22
N PRO A 147 -11.24 4.68 14.79
CA PRO A 147 -11.57 5.72 15.79
C PRO A 147 -12.44 6.82 15.23
N SER A 148 -12.21 7.22 13.99
CA SER A 148 -12.90 8.35 13.39
C SER A 148 -12.58 8.37 11.92
N SER A 149 -13.36 9.13 11.17
CA SER A 149 -13.01 9.39 9.78
C SER A 149 -11.71 10.18 9.70
N GLU A 150 -11.44 11.05 10.67
CA GLU A 150 -10.17 11.78 10.66
C GLU A 150 -8.98 10.85 10.83
N GLN A 151 -9.11 9.83 11.68
CA GLN A 151 -7.97 8.93 11.84
C GLN A 151 -7.77 8.07 10.59
N PHE A 152 -8.87 7.65 9.96
CA PHE A 152 -8.73 6.95 8.68
C PHE A 152 -7.96 7.81 7.69
N THR A 153 -8.36 9.07 7.55
CA THR A 153 -7.73 9.94 6.57
C THR A 153 -6.26 10.17 6.91
N GLU A 154 -5.93 10.32 8.19
CA GLU A 154 -4.53 10.47 8.57
C GLU A 154 -3.71 9.26 8.15
N TRP A 155 -4.16 8.06 8.50
CA TRP A 155 -3.43 6.86 8.08
C TRP A 155 -3.34 6.78 6.56
N SER A 156 -4.43 7.10 5.87
CA SER A 156 -4.43 6.98 4.41
C SER A 156 -3.46 7.99 3.79
N ASP A 157 -3.49 9.24 4.27
CA ASP A 157 -2.57 10.25 3.75
C ASP A 157 -1.12 9.88 4.02
N ARG A 158 -0.85 9.24 5.17
CA ARG A 158 0.51 8.81 5.49
C ARG A 158 0.99 7.74 4.51
N PHE A 159 0.13 6.77 4.18
CA PHE A 159 0.49 5.72 3.22
C PHE A 159 0.91 6.33 1.88
N HIS A 160 0.14 7.31 1.41
CA HIS A 160 0.33 7.90 0.09
C HIS A 160 1.25 9.11 0.08
N GLY A 161 1.62 9.64 1.25
CA GLY A 161 2.41 10.87 1.30
C GLY A 161 1.67 12.11 0.82
N LEU A 162 0.39 12.22 1.13
CA LEU A 162 -0.43 13.37 0.75
C LEU A 162 -0.55 14.39 1.87
N HIS A 163 -0.89 15.62 1.48
CA HIS A 163 -1.29 16.68 2.44
C HIS A 163 -0.27 16.90 3.54
N GLY A 164 1.01 16.77 3.22
CA GLY A 164 2.02 17.08 4.23
C GLY A 164 2.15 16.05 5.32
N ALA A 165 1.53 14.89 5.17
CA ALA A 165 1.56 13.86 6.21
C ALA A 165 2.94 13.22 6.29
N PHE A 166 3.31 12.74 7.49
CA PHE A 166 4.55 11.98 7.55
C PHE A 166 4.31 10.63 6.91
N THR A 167 5.41 9.99 6.48
CA THR A 167 5.30 8.79 5.67
C THR A 167 5.84 7.52 6.33
N CYS A 168 6.61 7.63 7.42
CA CYS A 168 7.26 6.47 8.05
C CYS A 168 6.29 5.31 8.32
N THR A 169 6.40 4.20 7.59
CA THR A 169 5.41 3.14 7.80
C THR A 169 5.73 2.26 9.01
N SER A 170 6.94 2.29 9.57
CA SER A 170 7.12 1.64 10.86
C SER A 170 6.18 2.26 11.89
N VAL A 171 6.03 3.59 11.85
CA VAL A 171 5.13 4.29 12.75
C VAL A 171 3.68 4.05 12.35
N VAL A 172 3.37 4.08 11.04
CA VAL A 172 1.99 3.82 10.62
C VAL A 172 1.57 2.42 11.06
N ALA A 173 2.43 1.43 10.83
CA ALA A 173 2.08 0.05 11.18
C ALA A 173 1.95 -0.10 12.69
N ASP A 174 2.87 0.53 13.44
CA ASP A 174 2.79 0.44 14.89
C ASP A 174 1.49 1.06 15.39
N SER A 175 1.11 2.19 14.79
CA SER A 175 -0.12 2.88 15.17
C SER A 175 -1.35 2.02 14.89
N MET A 176 -1.43 1.44 13.69
CA MET A 176 -2.60 0.60 13.44
C MET A 176 -2.57 -0.68 14.25
N GLN A 177 -1.38 -1.22 14.48
CA GLN A 177 -1.29 -2.43 15.29
C GLN A 177 -1.73 -2.17 16.73
N ARG A 178 -1.38 -1.00 17.27
CA ARG A 178 -1.84 -0.65 18.61
C ARG A 178 -3.36 -0.59 18.67
N HIS A 179 -3.98 -0.04 17.60
CA HIS A 179 -5.42 0.08 17.56
C HIS A 179 -6.08 -1.29 17.51
N ALA A 180 -5.53 -2.18 16.68
CA ALA A 180 -6.08 -3.54 16.58
C ALA A 180 -5.88 -4.32 17.87
N ARG A 181 -4.75 -4.13 18.53
CA ARG A 181 -4.50 -4.83 19.78
C ARG A 181 -5.49 -4.40 20.85
N LYS A 182 -5.90 -3.13 20.80
CA LYS A 182 -6.83 -2.62 21.79
C LYS A 182 -8.25 -3.10 21.51
N TYR A 183 -8.70 -3.07 20.24
CA TYR A 183 -10.10 -3.27 19.92
C TYR A 183 -10.44 -4.64 19.35
N PHE A 184 -9.49 -5.34 18.71
CA PHE A 184 -9.81 -6.68 18.21
C PHE A 184 -8.54 -7.54 18.21
N PRO A 185 -7.97 -7.80 19.40
CA PRO A 185 -6.66 -8.48 19.46
C PRO A 185 -6.70 -9.91 18.97
N SER A 186 -7.84 -10.60 19.10
CA SER A 186 -7.90 -11.98 18.62
C SER A 186 -7.85 -12.03 17.09
N VAL A 187 -8.54 -11.11 16.41
CA VAL A 187 -8.42 -11.01 14.96
C VAL A 187 -6.98 -10.69 14.58
N LEU A 188 -6.36 -9.73 15.28
CA LEU A 188 -4.97 -9.40 15.00
C LEU A 188 -4.07 -10.63 15.14
N SER A 189 -4.23 -11.38 16.23
CA SER A 189 -3.44 -12.59 16.42
C SER A 189 -3.66 -13.58 15.28
N SER A 190 -4.84 -13.59 14.67
CA SER A 190 -5.13 -14.51 13.59
C SER A 190 -4.48 -14.12 12.28
N ILE A 191 -3.90 -12.93 12.17
CA ILE A 191 -3.40 -12.41 10.90
C ILE A 191 -1.90 -12.17 10.95
N LEU A 192 -1.43 -11.47 11.96
CA LEU A 192 -0.04 -11.02 11.99
C LEU A 192 0.91 -12.20 12.09
N PRO A 193 1.94 -12.28 11.24
CA PRO A 193 3.00 -13.27 11.46
C PRO A 193 3.47 -13.26 12.91
N LEU A 194 3.67 -14.45 13.46
CA LEU A 194 3.99 -14.58 14.88
C LEU A 194 5.18 -13.71 15.26
N ALA A 195 6.24 -13.75 14.45
CA ALA A 195 7.45 -12.99 14.78
C ALA A 195 7.24 -11.49 14.75
N TRP A 196 6.15 -11.01 14.14
CA TRP A 196 5.91 -9.57 14.01
C TRP A 196 5.01 -9.05 15.11
N ALA A 197 4.52 -9.92 15.98
CA ALA A 197 3.57 -9.52 17.02
C ALA A 197 4.32 -8.95 18.22
N MET B 1 -6.51 21.17 -21.37
CA MET B 1 -6.73 19.74 -21.57
C MET B 1 -6.59 19.01 -20.24
N GLN B 2 -7.00 17.76 -20.22
CA GLN B 2 -6.96 16.94 -19.00
C GLN B 2 -5.74 16.04 -19.04
N ILE B 3 -5.01 15.97 -17.93
CA ILE B 3 -3.97 14.96 -17.74
C ILE B 3 -4.21 14.29 -16.41
N PHE B 4 -3.57 13.13 -16.24
CA PHE B 4 -3.65 12.34 -15.02
C PHE B 4 -2.28 12.26 -14.37
N VAL B 5 -2.24 12.34 -13.05
CA VAL B 5 -1.00 12.22 -12.29
C VAL B 5 -1.20 11.08 -11.31
N LYS B 6 -0.41 10.02 -11.45
CA LYS B 6 -0.60 8.79 -10.66
C LYS B 6 0.62 8.57 -9.78
N THR B 7 0.41 8.49 -8.46
CA THR B 7 1.53 8.17 -7.59
C THR B 7 1.93 6.71 -7.77
N LEU B 8 3.14 6.37 -7.32
CA LEU B 8 3.55 4.97 -7.33
C LEU B 8 2.77 4.12 -6.33
N THR B 9 2.04 4.73 -5.40
CA THR B 9 1.15 4.01 -4.50
C THR B 9 -0.27 3.87 -5.05
N GLY B 10 -0.55 4.38 -6.25
CA GLY B 10 -1.82 4.13 -6.90
C GLY B 10 -2.87 5.20 -6.77
N LYS B 11 -2.53 6.37 -6.27
CA LYS B 11 -3.45 7.50 -6.14
C LYS B 11 -3.41 8.32 -7.42
N THR B 12 -4.56 8.51 -8.06
CA THR B 12 -4.62 9.22 -9.34
C THR B 12 -5.25 10.60 -9.14
N ILE B 13 -4.62 11.60 -9.72
CA ILE B 13 -5.02 13.00 -9.62
C ILE B 13 -5.36 13.44 -11.05
N THR B 14 -6.46 14.16 -11.22
CA THR B 14 -6.81 14.70 -12.52
C THR B 14 -6.54 16.20 -12.52
N LEU B 15 -5.87 16.69 -13.57
CA LEU B 15 -5.51 18.09 -13.65
C LEU B 15 -6.05 18.69 -14.95
N GLU B 16 -6.38 19.99 -14.89
CA GLU B 16 -6.62 20.77 -16.09
C GLU B 16 -5.40 21.62 -16.36
N VAL B 17 -4.81 21.44 -17.54
CA VAL B 17 -3.54 22.07 -17.88
C VAL B 17 -3.58 22.49 -19.33
N GLU B 18 -2.63 23.32 -19.70
CA GLU B 18 -2.34 23.73 -21.05
C GLU B 18 -0.97 23.20 -21.47
N PRO B 19 -0.76 22.88 -22.75
CA PRO B 19 0.57 22.43 -23.18
C PRO B 19 1.69 23.38 -22.80
N SER B 20 1.39 24.68 -22.69
CA SER B 20 2.40 25.67 -22.36
C SER B 20 2.64 25.82 -20.86
N ASP B 21 1.90 25.10 -20.01
CA ASP B 21 2.17 25.14 -18.58
C ASP B 21 3.53 24.51 -18.29
N THR B 22 4.25 25.09 -17.33
CA THR B 22 5.53 24.54 -16.95
C THR B 22 5.37 23.39 -15.96
N ILE B 23 6.44 22.62 -15.80
CA ILE B 23 6.43 21.54 -14.83
C ILE B 23 6.20 22.12 -13.42
N GLU B 24 6.78 23.29 -13.13
CA GLU B 24 6.55 23.96 -11.85
C GLU B 24 5.07 24.23 -11.64
N ASN B 25 4.38 24.74 -12.68
N ASN B 25 4.38 24.71 -12.68
CA ASN B 25 2.95 25.00 -12.58
CA ASN B 25 2.95 25.00 -12.57
C ASN B 25 2.18 23.72 -12.28
C ASN B 25 2.16 23.73 -12.30
N VAL B 26 2.54 22.62 -12.94
CA VAL B 26 1.88 21.35 -12.67
C VAL B 26 2.08 20.92 -11.21
N LYS B 27 3.30 21.05 -10.70
CA LYS B 27 3.54 20.73 -9.29
C LYS B 27 2.68 21.61 -8.38
N ALA B 28 2.45 22.86 -8.76
CA ALA B 28 1.61 23.73 -7.94
C ALA B 28 0.15 23.29 -7.99
N LYS B 29 -0.31 22.80 -9.15
CA LYS B 29 -1.67 22.28 -9.24
C LYS B 29 -1.82 20.97 -8.47
N ILE B 30 -0.75 20.18 -8.41
CA ILE B 30 -0.77 18.98 -7.59
C ILE B 30 -0.88 19.35 -6.12
N GLN B 31 -0.13 20.37 -5.71
CA GLN B 31 -0.22 20.84 -4.33
C GLN B 31 -1.61 21.34 -4.00
N ASP B 32 -2.26 22.06 -4.94
CA ASP B 32 -3.62 22.55 -4.68
C ASP B 32 -4.60 21.40 -4.50
N LYS B 33 -4.41 20.29 -5.22
CA LYS B 33 -5.36 19.18 -5.12
C LYS B 33 -5.05 18.23 -3.97
N GLU B 34 -3.77 17.96 -3.69
CA GLU B 34 -3.42 16.92 -2.75
C GLU B 34 -2.44 17.37 -1.66
N GLY B 35 -2.06 18.64 -1.63
CA GLY B 35 -1.28 19.14 -0.51
C GLY B 35 0.15 18.69 -0.44
N ILE B 36 0.70 18.14 -1.52
CA ILE B 36 2.11 17.78 -1.56
C ILE B 36 2.96 18.99 -1.92
N PRO B 37 3.95 19.34 -1.10
CA PRO B 37 4.83 20.46 -1.42
C PRO B 37 5.57 20.20 -2.72
N PRO B 38 5.64 21.20 -3.61
CA PRO B 38 6.32 20.98 -4.89
C PRO B 38 7.76 20.50 -4.76
N ASP B 39 8.51 20.98 -3.77
CA ASP B 39 9.90 20.55 -3.67
C ASP B 39 10.04 19.08 -3.26
N GLN B 40 8.94 18.39 -2.96
CA GLN B 40 8.99 16.96 -2.69
C GLN B 40 8.45 16.13 -3.84
N GLN B 41 8.09 16.75 -4.97
CA GLN B 41 7.47 16.04 -6.07
C GLN B 41 8.53 15.77 -7.12
N ARG B 42 8.59 14.52 -7.59
CA ARG B 42 9.39 14.16 -8.76
C ARG B 42 8.43 13.60 -9.80
N LEU B 43 8.28 14.31 -10.91
CA LEU B 43 7.34 13.89 -11.95
C LEU B 43 8.11 13.19 -13.06
N ILE B 44 7.52 12.09 -13.56
CA ILE B 44 8.12 11.26 -14.59
C ILE B 44 7.14 11.07 -15.74
N PHE B 45 7.65 11.18 -16.97
CA PHE B 45 6.89 10.84 -18.17
C PHE B 45 7.85 10.18 -19.15
N ALA B 46 7.40 9.09 -19.77
CA ALA B 46 8.23 8.33 -20.70
C ALA B 46 9.62 8.07 -20.14
N GLY B 47 9.67 7.74 -18.85
CA GLY B 47 10.91 7.42 -18.19
C GLY B 47 11.84 8.58 -17.92
N LYS B 48 11.43 9.80 -18.20
CA LYS B 48 12.30 10.96 -18.06
C LYS B 48 11.80 11.80 -16.88
N GLN B 49 12.73 12.34 -16.11
CA GLN B 49 12.31 13.16 -14.99
C GLN B 49 12.07 14.57 -15.50
N LEU B 50 10.90 15.13 -15.18
CA LEU B 50 10.45 16.36 -15.78
C LEU B 50 11.10 17.54 -15.07
N GLU B 51 11.61 18.50 -15.83
CA GLU B 51 12.38 19.61 -15.28
C GLU B 51 11.50 20.83 -15.05
N ASP B 52 11.66 21.44 -13.89
CA ASP B 52 10.82 22.55 -13.45
C ASP B 52 10.62 23.61 -14.53
N GLY B 53 11.70 24.07 -15.16
CA GLY B 53 11.56 25.19 -16.08
C GLY B 53 11.02 24.90 -17.47
N ARG B 54 10.71 23.65 -17.79
CA ARG B 54 10.23 23.29 -19.12
C ARG B 54 8.71 23.17 -19.15
N THR B 55 8.14 23.15 -20.35
CA THR B 55 6.70 23.01 -20.49
C THR B 55 6.29 21.57 -20.72
N LEU B 56 5.00 21.30 -20.51
CA LEU B 56 4.47 19.98 -20.83
C LEU B 56 4.73 19.63 -22.29
N SER B 57 4.56 20.61 -23.20
CA SER B 57 4.75 20.36 -24.63
C SER B 57 6.18 19.98 -24.97
N ASP B 58 7.17 20.41 -24.17
N ASP B 58 7.15 20.42 -24.17
CA ASP B 58 8.54 20.02 -24.44
CA ASP B 58 8.55 20.03 -24.39
C ASP B 58 8.76 18.51 -24.30
C ASP B 58 8.72 18.51 -24.33
N TYR B 59 7.90 17.83 -23.54
CA TYR B 59 8.01 16.39 -23.36
C TYR B 59 7.03 15.59 -24.20
N ASN B 60 6.36 16.23 -25.16
CA ASN B 60 5.35 15.56 -25.99
C ASN B 60 4.20 14.99 -25.15
N ILE B 61 3.88 15.68 -24.06
CA ILE B 61 2.75 15.30 -23.21
C ILE B 61 1.45 15.83 -23.83
N GLN B 62 0.50 14.94 -24.08
CA GLN B 62 -0.73 15.22 -24.84
C GLN B 62 -1.95 15.08 -23.94
N LYS B 63 -3.12 15.33 -24.52
CA LYS B 63 -4.36 15.18 -23.77
C LYS B 63 -4.49 13.74 -23.26
N GLU B 64 -4.98 13.61 -22.03
CA GLU B 64 -5.20 12.33 -21.35
C GLU B 64 -3.90 11.61 -21.02
N SER B 65 -2.74 12.25 -21.17
CA SER B 65 -1.51 11.60 -20.76
C SER B 65 -1.51 11.39 -19.26
N THR B 66 -0.77 10.37 -18.83
CA THR B 66 -0.54 10.09 -17.42
C THR B 66 0.92 10.37 -17.08
N LEU B 67 1.14 11.19 -16.07
CA LEU B 67 2.45 11.41 -15.48
C LEU B 67 2.54 10.61 -14.19
N HIS B 68 3.75 10.16 -13.87
CA HIS B 68 3.97 9.40 -12.64
C HIS B 68 4.58 10.33 -11.60
N LEU B 69 4.04 10.30 -10.39
CA LEU B 69 4.50 11.16 -9.29
C LEU B 69 5.26 10.30 -8.30
N VAL B 70 6.56 10.56 -8.18
CA VAL B 70 7.43 9.82 -7.30
C VAL B 70 7.67 10.67 -6.05
N LEU B 71 7.35 10.10 -4.90
CA LEU B 71 7.56 10.75 -3.60
C LEU B 71 8.51 9.91 -2.78
N ARG B 72 9.35 10.58 -2.00
CA ARG B 72 10.17 9.89 -1.00
C ARG B 72 9.26 9.41 0.12
N LEU B 73 9.11 8.10 0.25
CA LEU B 73 8.19 7.51 1.22
C LEU B 73 9.04 6.72 2.20
N ARG B 74 9.07 7.16 3.45
CA ARG B 74 9.97 6.58 4.43
C ARG B 74 9.41 5.27 5.00
N GLY B 75 10.29 4.30 5.18
CA GLY B 75 9.92 3.07 5.88
C GLY B 75 9.99 3.22 7.39
#